data_7XAF
#
_entry.id   7XAF
#
_cell.length_a   52.1159
_cell.length_b   52.1159
_cell.length_c   228.483
_cell.angle_alpha   90.0
_cell.angle_beta   90.0
_cell.angle_gamma   120.0
#
_symmetry.space_group_name_H-M   'P 31 1 2'
#
loop_
_entity.id
_entity.type
_entity.pdbx_description
1 polymer 'High affinity nerve growth factor receptor'
2 non-polymer 4^6,14-dimethyl-N-(3-(4-methyl-1H-imidazol-1-yl)-5-(trifluoromethyl)phenyl)-10-oxo-5-oxa-11,14-diaza-1(3,6)-imidazo[1,2-b]pyridazina-4(1,3)-benzenacyclo-tetradecaphan-2-yne-45-carboxamide
#
_entity_poly.entity_id   1
_entity_poly.type   'polypeptide(L)'
_entity_poly.pdbx_seq_one_letter_code
;SDACVHHIKRRDIVLKWELGEGAFGKVFLAECHNLLPEQDKMLVAVKALKEASESARQDFQREAELLTMLQHQHIVRFFG
VCTEGRPLLMVFEYMRHGDLNRFLRSHGPDAKLLAGGEDVAPGPLGLGQLLAVASQVAAGMVYLAGLHFVHRDLATRNCL
VGQGLVVKIGDFGMSRDIYSTDYYRVGGRTMLPIRWMPPESILYRKFTTESDVWSFGVVLWEIFTYGKQPWYQLSNTEAI
DCITQGRELERPRACPPEVYAIMRGCWQREPQQRHSIKDVHARLQALAQAPPVYLDVLG
;
_entity_poly.pdbx_strand_id   A
#
# COMPACT_ATOMS: atom_id res chain seq x y z
N SER A 1 -16.52 13.41 -18.16
CA SER A 1 -15.18 13.08 -18.62
C SER A 1 -14.29 14.33 -18.64
N ASP A 2 -13.59 14.57 -17.54
CA ASP A 2 -12.74 15.74 -17.42
C ASP A 2 -11.36 15.49 -18.03
N ALA A 3 -10.74 14.38 -17.65
CA ALA A 3 -9.46 13.97 -18.22
C ALA A 3 -9.68 12.87 -19.25
N CYS A 4 -8.65 12.55 -20.03
CA CYS A 4 -8.77 11.54 -21.07
C CYS A 4 -7.81 10.38 -20.85
N VAL A 5 -8.31 9.17 -21.04
CA VAL A 5 -7.52 7.96 -20.82
C VAL A 5 -6.89 7.45 -22.11
N HIS A 6 -5.61 7.13 -22.05
CA HIS A 6 -4.91 6.56 -23.20
C HIS A 6 -5.46 5.17 -23.51
N HIS A 7 -5.46 4.79 -24.78
CA HIS A 7 -5.95 3.49 -25.19
C HIS A 7 -4.85 2.65 -25.83
N ILE A 8 -4.88 1.35 -25.56
CA ILE A 8 -3.89 0.43 -26.09
C ILE A 8 -4.57 -0.66 -26.93
N LYS A 9 -4.10 -0.81 -28.17
CA LYS A 9 -4.66 -1.83 -29.07
C LYS A 9 -4.42 -3.22 -28.51
N ARG A 10 -5.42 -4.09 -28.66
CA ARG A 10 -5.35 -5.45 -28.13
C ARG A 10 -4.24 -6.27 -28.78
N ARG A 11 -3.81 -5.85 -29.96
CA ARG A 11 -2.71 -6.53 -30.66
C ARG A 11 -1.39 -6.33 -29.91
N ASP A 12 -1.29 -5.21 -29.18
CA ASP A 12 -0.10 -4.91 -28.41
C ASP A 12 0.01 -5.80 -27.17
N ILE A 13 -1.13 -6.11 -26.58
CA ILE A 13 -1.17 -6.92 -25.36
C ILE A 13 -1.12 -8.41 -25.65
N VAL A 14 -0.09 -9.08 -25.14
CA VAL A 14 0.06 -10.51 -25.30
C VAL A 14 0.15 -11.20 -23.93
N LEU A 15 -0.94 -11.82 -23.52
CA LEU A 15 -1.00 -12.47 -22.21
C LEU A 15 -0.05 -13.66 -22.12
N LYS A 16 0.79 -13.67 -21.09
CA LYS A 16 1.70 -14.78 -20.86
C LYS A 16 1.08 -15.79 -19.90
N TRP A 17 0.83 -15.35 -18.67
CA TRP A 17 0.20 -16.18 -17.66
C TRP A 17 -0.46 -15.34 -16.58
N GLU A 18 -1.24 -15.98 -15.72
CA GLU A 18 -1.97 -15.29 -14.66
C GLU A 18 -1.08 -15.03 -13.45
N LEU A 19 -1.28 -13.88 -12.80
CA LEU A 19 -0.51 -13.53 -11.61
C LEU A 19 -1.38 -13.64 -10.36
N GLY A 20 -2.69 -13.70 -10.56
CA GLY A 20 -3.62 -13.80 -9.44
C GLY A 20 -5.06 -13.59 -9.89
N GLU A 21 -6.00 -14.14 -9.13
CA GLU A 21 -7.41 -14.03 -9.47
C GLU A 21 -8.20 -13.34 -8.37
N GLY A 22 -9.08 -12.42 -8.75
CA GLY A 22 -9.92 -11.73 -7.80
C GLY A 22 -11.39 -12.01 -8.04
N ALA A 23 -12.24 -11.50 -7.15
CA ALA A 23 -13.68 -11.72 -7.27
C ALA A 23 -14.28 -10.90 -8.40
N PHE A 24 -13.57 -9.84 -8.80
CA PHE A 24 -14.08 -8.94 -9.82
C PHE A 24 -13.06 -8.70 -10.94
N GLY A 25 -11.84 -9.17 -10.74
CA GLY A 25 -10.78 -8.94 -11.70
C GLY A 25 -9.77 -10.06 -11.83
N LYS A 26 -8.98 -9.99 -12.90
CA LYS A 26 -7.92 -10.97 -13.14
C LYS A 26 -6.64 -10.28 -13.60
N VAL A 27 -5.54 -10.61 -12.94
CA VAL A 27 -4.25 -10.01 -13.29
C VAL A 27 -3.36 -11.01 -14.02
N PHE A 28 -3.05 -10.68 -15.27
CA PHE A 28 -2.14 -11.49 -16.07
C PHE A 28 -0.82 -10.78 -16.27
N LEU A 29 0.25 -11.55 -16.42
CA LEU A 29 1.52 -10.99 -16.87
C LEU A 29 1.50 -10.97 -18.39
N ALA A 30 1.70 -9.80 -18.97
CA ALA A 30 1.62 -9.66 -20.42
C ALA A 30 2.68 -8.70 -20.95
N GLU A 31 2.80 -8.64 -22.27
CA GLU A 31 3.74 -7.72 -22.90
C GLU A 31 2.97 -6.66 -23.69
N CYS A 32 3.52 -5.45 -23.74
CA CYS A 32 2.96 -4.39 -24.56
C CYS A 32 4.00 -3.87 -25.53
N HIS A 33 3.56 -3.37 -26.68
CA HIS A 33 4.46 -2.89 -27.70
C HIS A 33 4.32 -1.39 -27.94
N ASN A 34 3.56 -0.74 -27.05
CA ASN A 34 3.38 0.71 -27.07
C ASN A 34 2.91 1.24 -28.43
N LYS A 41 10.47 -3.79 -26.06
CA LYS A 41 9.09 -3.99 -25.61
C LYS A 41 9.08 -4.67 -24.25
N MET A 42 8.30 -4.11 -23.32
CA MET A 42 8.37 -4.49 -21.92
C MET A 42 7.24 -5.40 -21.45
N LEU A 43 7.29 -5.79 -20.19
CA LEU A 43 6.24 -6.60 -19.57
C LEU A 43 5.31 -5.72 -18.75
N VAL A 44 4.01 -6.01 -18.80
CA VAL A 44 3.03 -5.23 -18.06
C VAL A 44 2.10 -6.14 -17.25
N ALA A 45 1.30 -5.54 -16.38
CA ALA A 45 0.31 -6.27 -15.60
C ALA A 45 -1.09 -5.78 -15.95
N VAL A 46 -1.88 -6.64 -16.58
CA VAL A 46 -3.20 -6.26 -17.07
C VAL A 46 -4.32 -6.74 -16.16
N LYS A 47 -5.37 -5.92 -16.05
CA LYS A 47 -6.52 -6.25 -15.22
C LYS A 47 -7.77 -6.49 -16.07
N ALA A 48 -8.30 -7.71 -16.00
CA ALA A 48 -9.48 -8.07 -16.78
C ALA A 48 -10.74 -8.00 -15.94
N LEU A 49 -11.68 -7.16 -16.36
CA LEU A 49 -12.95 -7.00 -15.66
C LEU A 49 -13.78 -8.27 -15.75
N LYS A 50 -14.37 -8.67 -14.61
CA LYS A 50 -15.19 -9.87 -14.57
C LYS A 50 -16.67 -9.53 -14.49
N GLU A 51 -17.25 -9.16 -15.63
CA GLU A 51 -18.66 -8.81 -15.70
C GLU A 51 -19.21 -8.98 -17.11
N ALA A 56 -20.51 -2.42 -13.78
CA ALA A 56 -19.07 -2.57 -13.62
C ALA A 56 -18.31 -1.87 -14.74
N ARG A 57 -18.97 -1.71 -15.88
CA ARG A 57 -18.38 -1.01 -17.01
C ARG A 57 -18.25 0.48 -16.71
N GLN A 58 -19.16 0.99 -15.89
CA GLN A 58 -19.11 2.38 -15.46
C GLN A 58 -18.03 2.57 -14.41
N ASP A 59 -17.81 1.53 -13.61
CA ASP A 59 -16.76 1.55 -12.60
C ASP A 59 -15.39 1.33 -13.24
N PHE A 60 -15.41 0.90 -14.50
CA PHE A 60 -14.19 0.70 -15.26
C PHE A 60 -13.64 2.04 -15.74
N GLN A 61 -14.47 2.79 -16.46
CA GLN A 61 -14.07 4.08 -16.99
C GLN A 61 -13.77 5.08 -15.87
N ARG A 62 -14.62 5.08 -14.86
CA ARG A 62 -14.48 6.01 -13.74
C ARG A 62 -13.14 5.83 -13.01
N GLU A 63 -12.74 4.58 -12.82
CA GLU A 63 -11.48 4.29 -12.17
C GLU A 63 -10.31 4.69 -13.06
N ALA A 64 -10.41 4.36 -14.33
CA ALA A 64 -9.36 4.67 -15.31
C ALA A 64 -9.13 6.18 -15.41
N GLU A 65 -10.22 6.94 -15.35
CA GLU A 65 -10.13 8.40 -15.36
C GLU A 65 -9.40 8.89 -14.12
N LEU A 66 -9.64 8.24 -13.00
CA LEU A 66 -9.00 8.60 -11.74
C LEU A 66 -7.56 8.07 -11.70
N LEU A 67 -7.35 6.88 -12.26
CA LEU A 67 -6.02 6.29 -12.31
C LEU A 67 -5.07 7.09 -13.19
N THR A 68 -5.62 7.71 -14.25
CA THR A 68 -4.83 8.49 -15.17
C THR A 68 -4.35 9.80 -14.54
N MET A 69 -5.22 10.42 -13.74
CA MET A 69 -4.89 11.68 -13.09
C MET A 69 -3.83 11.52 -12.02
N LEU A 70 -3.74 10.32 -11.44
CA LEU A 70 -2.76 10.06 -10.39
C LEU A 70 -1.43 9.55 -10.98
N GLN A 71 -0.47 10.47 -11.11
CA GLN A 71 0.84 10.12 -11.67
C GLN A 71 1.97 10.58 -10.76
N HIS A 72 2.71 9.61 -10.25
CA HIS A 72 3.78 9.94 -9.32
C HIS A 72 4.76 8.80 -9.17
N GLN A 73 5.79 9.07 -8.38
CA GLN A 73 6.98 8.25 -8.44
C GLN A 73 6.73 7.09 -7.52
N HIS A 74 5.75 7.24 -6.63
CA HIS A 74 5.37 6.23 -5.63
C HIS A 74 3.87 5.89 -5.72
N ILE A 75 3.31 6.10 -6.91
CA ILE A 75 2.00 5.58 -7.27
C ILE A 75 2.19 4.65 -8.47
N VAL A 76 1.52 3.50 -8.46
CA VAL A 76 1.67 2.51 -9.51
C VAL A 76 1.35 3.11 -10.88
N ARG A 77 2.31 2.99 -11.79
CA ARG A 77 2.22 3.63 -13.11
C ARG A 77 1.10 3.02 -13.96
N PHE A 78 0.10 3.84 -14.27
CA PHE A 78 -1.01 3.42 -15.10
C PHE A 78 -0.76 3.76 -16.55
N PHE A 79 -0.83 2.76 -17.43
CA PHE A 79 -0.45 2.93 -18.83
C PHE A 79 -1.65 3.18 -19.75
N GLY A 80 -2.81 2.66 -19.37
CA GLY A 80 -4.01 2.87 -20.16
C GLY A 80 -4.97 1.70 -20.15
N VAL A 81 -5.93 1.71 -21.05
CA VAL A 81 -6.95 0.67 -21.14
C VAL A 81 -7.07 0.09 -22.54
N CYS A 82 -7.94 -0.90 -22.68
CA CYS A 82 -8.19 -1.53 -23.97
C CYS A 82 -9.66 -1.92 -24.10
N THR A 83 -10.42 -1.13 -24.85
CA THR A 83 -11.85 -1.34 -24.97
C THR A 83 -12.26 -1.76 -26.38
N GLU A 84 -11.30 -2.24 -27.17
CA GLU A 84 -11.60 -2.71 -28.52
C GLU A 84 -11.82 -4.22 -28.54
N GLY A 85 -12.58 -4.70 -27.56
CA GLY A 85 -12.89 -6.12 -27.46
C GLY A 85 -12.85 -6.63 -26.03
N ARG A 86 -13.97 -7.16 -25.57
CA ARG A 86 -14.07 -7.72 -24.23
C ARG A 86 -13.15 -8.94 -24.10
N PRO A 87 -12.63 -9.19 -22.88
CA PRO A 87 -12.83 -8.43 -21.65
C PRO A 87 -12.06 -7.11 -21.62
N LEU A 88 -12.61 -6.11 -20.96
CA LEU A 88 -11.95 -4.81 -20.83
C LEU A 88 -10.66 -4.95 -20.04
N LEU A 89 -9.63 -4.22 -20.46
CA LEU A 89 -8.31 -4.36 -19.86
C LEU A 89 -7.81 -3.08 -19.20
N MET A 90 -7.05 -3.25 -18.13
CA MET A 90 -6.35 -2.14 -17.48
C MET A 90 -4.86 -2.46 -17.39
N VAL A 91 -4.06 -1.71 -18.14
CA VAL A 91 -2.64 -2.01 -18.24
C VAL A 91 -1.81 -1.29 -17.19
N PHE A 92 -1.27 -2.06 -16.24
CA PHE A 92 -0.36 -1.53 -15.23
C PHE A 92 1.05 -2.01 -15.47
N GLU A 93 2.03 -1.29 -14.92
CA GLU A 93 3.41 -1.73 -14.99
C GLU A 93 3.61 -2.96 -14.13
N TYR A 94 4.64 -3.75 -14.44
CA TYR A 94 4.90 -4.96 -13.67
C TYR A 94 5.86 -4.69 -12.51
N MET A 95 5.42 -5.04 -11.31
CA MET A 95 6.25 -4.92 -10.12
C MET A 95 6.79 -6.29 -9.74
N ARG A 96 8.11 -6.43 -9.78
CA ARG A 96 8.78 -7.72 -9.70
C ARG A 96 8.52 -8.49 -8.40
N HIS A 97 8.47 -7.78 -7.28
CA HIS A 97 8.40 -8.45 -5.97
C HIS A 97 7.00 -8.53 -5.38
N GLY A 98 5.99 -8.26 -6.19
CA GLY A 98 4.61 -8.33 -5.73
C GLY A 98 4.28 -7.23 -4.74
N ASP A 99 3.35 -7.52 -3.82
CA ASP A 99 2.95 -6.53 -2.83
C ASP A 99 3.94 -6.45 -1.68
N LEU A 100 3.94 -5.32 -0.97
CA LEU A 100 4.92 -5.05 0.07
C LEU A 100 4.81 -6.00 1.25
N ASN A 101 3.58 -6.39 1.60
CA ASN A 101 3.36 -7.28 2.74
C ASN A 101 4.01 -8.64 2.56
N ARG A 102 3.86 -9.22 1.37
CA ARG A 102 4.46 -10.51 1.08
C ARG A 102 5.96 -10.36 0.92
N PHE A 103 6.41 -9.15 0.57
CA PHE A 103 7.83 -8.86 0.46
C PHE A 103 8.48 -8.77 1.82
N LEU A 104 7.85 -8.03 2.74
CA LEU A 104 8.38 -7.84 4.08
C LEU A 104 8.49 -9.16 4.84
N ARG A 105 7.47 -10.00 4.71
CA ARG A 105 7.44 -11.29 5.40
C ARG A 105 8.57 -12.21 4.93
N SER A 106 8.80 -12.25 3.63
CA SER A 106 9.80 -13.14 3.05
C SER A 106 11.22 -12.65 3.29
N HIS A 107 11.35 -11.48 3.91
CA HIS A 107 12.66 -10.94 4.25
C HIS A 107 12.74 -10.59 5.72
N GLY A 108 11.95 -11.28 6.54
CA GLY A 108 12.00 -11.13 7.97
C GLY A 108 12.78 -12.28 8.59
N PRO A 109 12.95 -12.25 9.91
CA PRO A 109 13.68 -13.31 10.62
C PRO A 109 12.85 -14.59 10.77
N ASP A 110 11.76 -14.70 10.03
CA ASP A 110 10.79 -15.77 10.26
C ASP A 110 10.65 -16.73 9.07
N ALA A 111 11.20 -16.34 7.92
CA ALA A 111 11.10 -17.14 6.70
C ALA A 111 12.15 -16.66 5.69
N LYS A 112 12.77 -17.52 4.87
CA LYS A 112 12.57 -18.98 4.72
C LYS A 112 11.15 -19.38 4.32
N ALA A 115 20.99 -16.16 2.07
CA ALA A 115 20.33 -16.31 0.78
C ALA A 115 19.89 -14.96 0.21
N GLY A 116 20.82 -14.29 -0.46
CA GLY A 116 20.56 -12.98 -1.01
C GLY A 116 19.75 -13.00 -2.29
N GLY A 117 19.55 -11.82 -2.87
CA GLY A 117 18.80 -11.70 -4.11
C GLY A 117 19.49 -10.76 -5.08
N GLU A 118 18.70 -10.07 -5.90
CA GLU A 118 19.23 -9.12 -6.87
C GLU A 118 18.98 -7.69 -6.43
N ASP A 119 17.90 -7.50 -5.66
CA ASP A 119 17.52 -6.17 -5.20
C ASP A 119 17.69 -6.02 -3.70
N VAL A 120 17.99 -7.11 -3.02
CA VAL A 120 18.01 -7.10 -1.56
C VAL A 120 19.14 -7.98 -0.99
N ALA A 121 19.66 -7.57 0.16
CA ALA A 121 20.63 -8.35 0.91
C ALA A 121 20.01 -9.67 1.38
N PRO A 122 20.83 -10.63 1.86
CA PRO A 122 20.31 -11.88 2.41
C PRO A 122 19.18 -11.69 3.43
N GLY A 123 19.20 -10.59 4.17
CA GLY A 123 18.16 -10.31 5.14
C GLY A 123 18.52 -10.81 6.52
N PRO A 124 17.71 -10.44 7.54
CA PRO A 124 16.55 -9.54 7.54
C PRO A 124 16.86 -8.13 7.05
N LEU A 125 15.83 -7.42 6.62
CA LEU A 125 15.98 -6.04 6.16
C LEU A 125 16.52 -5.14 7.27
N GLY A 126 17.67 -4.53 7.01
CA GLY A 126 18.30 -3.64 7.98
C GLY A 126 17.54 -2.35 8.16
N LEU A 127 17.96 -1.56 9.13
CA LEU A 127 17.30 -0.29 9.45
C LEU A 127 17.29 0.66 8.26
N GLY A 128 18.39 0.66 7.50
CA GLY A 128 18.49 1.51 6.32
C GLY A 128 17.50 1.14 5.24
N GLN A 129 17.23 -0.16 5.10
CA GLN A 129 16.28 -0.64 4.11
C GLN A 129 14.84 -0.31 4.51
N LEU A 130 14.52 -0.54 5.77
CA LEU A 130 13.18 -0.28 6.29
C LEU A 130 12.85 1.21 6.21
N LEU A 131 13.82 2.05 6.52
CA LEU A 131 13.65 3.50 6.43
C LEU A 131 13.50 3.94 4.98
N ALA A 132 14.15 3.21 4.08
CA ALA A 132 14.05 3.50 2.65
C ALA A 132 12.66 3.17 2.14
N VAL A 133 12.15 2.01 2.54
CA VAL A 133 10.81 1.57 2.15
C VAL A 133 9.74 2.47 2.74
N ALA A 134 9.93 2.86 3.99
CA ALA A 134 8.96 3.70 4.69
C ALA A 134 8.86 5.09 4.08
N SER A 135 9.99 5.64 3.66
CA SER A 135 10.03 6.97 3.08
C SER A 135 9.29 7.03 1.74
N GLN A 136 9.41 5.97 0.94
CA GLN A 136 8.78 5.91 -0.36
C GLN A 136 7.26 5.88 -0.25
N VAL A 137 6.76 5.12 0.72
CA VAL A 137 5.32 5.07 0.97
C VAL A 137 4.83 6.41 1.48
N ALA A 138 5.63 7.03 2.34
CA ALA A 138 5.31 8.35 2.88
C ALA A 138 5.32 9.40 1.79
N ALA A 139 6.30 9.31 0.90
CA ALA A 139 6.45 10.27 -0.20
C ALA A 139 5.26 10.21 -1.14
N GLY A 140 4.72 9.00 -1.33
CA GLY A 140 3.58 8.81 -2.20
C GLY A 140 2.28 9.27 -1.58
N MET A 141 2.25 9.28 -0.25
CA MET A 141 1.06 9.69 0.48
C MET A 141 0.96 11.21 0.56
N VAL A 142 2.11 11.87 0.53
CA VAL A 142 2.15 13.33 0.50
C VAL A 142 1.54 13.84 -0.80
N TYR A 143 1.80 13.11 -1.89
CA TYR A 143 1.25 13.44 -3.20
C TYR A 143 -0.27 13.30 -3.20
N LEU A 144 -0.76 12.21 -2.60
CA LEU A 144 -2.19 11.97 -2.51
C LEU A 144 -2.85 12.98 -1.58
N ALA A 145 -2.18 13.28 -0.47
CA ALA A 145 -2.68 14.27 0.47
C ALA A 145 -2.55 15.68 -0.11
N GLY A 146 -1.60 15.84 -1.01
CA GLY A 146 -1.42 17.11 -1.71
C GLY A 146 -2.55 17.35 -2.69
N LEU A 147 -3.06 16.27 -3.26
CA LEU A 147 -4.22 16.33 -4.14
C LEU A 147 -5.50 16.21 -3.32
N HIS A 148 -5.32 16.06 -2.01
CA HIS A 148 -6.41 15.86 -1.07
C HIS A 148 -7.23 14.64 -1.45
N PHE A 149 -6.52 13.64 -1.97
CA PHE A 149 -7.08 12.32 -2.25
C PHE A 149 -7.05 11.51 -0.97
N VAL A 150 -8.10 10.73 -0.72
CA VAL A 150 -8.17 9.95 0.50
C VAL A 150 -8.11 8.45 0.21
N HIS A 151 -6.97 7.85 0.49
CA HIS A 151 -6.81 6.40 0.37
C HIS A 151 -7.38 5.75 1.64
N ARG A 152 -8.55 5.13 1.50
CA ARG A 152 -9.28 4.62 2.65
C ARG A 152 -8.85 3.21 3.07
N ASP A 153 -7.90 2.64 2.36
CA ASP A 153 -7.41 1.30 2.68
C ASP A 153 -5.89 1.23 2.56
N LEU A 154 -5.20 2.05 3.35
CA LEU A 154 -3.75 2.08 3.32
C LEU A 154 -3.14 0.96 4.15
N ALA A 155 -2.36 0.11 3.49
CA ALA A 155 -1.68 -1.00 4.16
C ALA A 155 -0.51 -1.48 3.31
N THR A 156 0.28 -2.40 3.86
CA THR A 156 1.41 -2.96 3.12
C THR A 156 0.93 -3.85 1.98
N ARG A 157 -0.26 -4.40 2.13
CA ARG A 157 -0.85 -5.25 1.09
C ARG A 157 -1.20 -4.42 -0.14
N ASN A 158 -1.50 -3.14 0.08
CA ASN A 158 -1.85 -2.25 -1.02
C ASN A 158 -0.68 -1.39 -1.46
N CYS A 159 0.53 -1.94 -1.34
CA CYS A 159 1.73 -1.30 -1.85
C CYS A 159 2.59 -2.33 -2.58
N LEU A 160 3.05 -1.97 -3.77
CA LEU A 160 3.82 -2.90 -4.60
C LEU A 160 5.32 -2.60 -4.56
N VAL A 161 6.12 -3.65 -4.72
CA VAL A 161 7.57 -3.51 -4.75
C VAL A 161 8.12 -3.95 -6.10
N GLY A 162 8.97 -3.13 -6.70
CA GLY A 162 9.49 -3.41 -8.02
C GLY A 162 10.97 -3.72 -8.05
N GLN A 163 11.49 -3.95 -9.25
CA GLN A 163 12.91 -4.25 -9.45
C GLN A 163 13.78 -3.06 -9.06
N GLY A 164 14.49 -3.18 -7.95
CA GLY A 164 15.32 -2.10 -7.46
C GLY A 164 14.83 -1.56 -6.13
N LEU A 165 13.96 -2.34 -5.48
CA LEU A 165 13.36 -1.98 -4.21
C LEU A 165 12.67 -0.63 -4.24
N VAL A 166 11.95 -0.37 -5.34
CA VAL A 166 11.10 0.82 -5.42
C VAL A 166 9.69 0.45 -4.99
N VAL A 167 9.12 1.22 -4.07
CA VAL A 167 7.81 0.91 -3.52
C VAL A 167 6.74 1.87 -4.03
N LYS A 168 5.68 1.33 -4.60
CA LYS A 168 4.56 2.13 -5.08
C LYS A 168 3.24 1.61 -4.52
N ILE A 169 2.30 2.52 -4.32
CA ILE A 169 1.01 2.17 -3.72
C ILE A 169 0.09 1.47 -4.72
N GLY A 170 -0.10 0.17 -4.55
CA GLY A 170 -0.87 -0.62 -5.49
C GLY A 170 -1.78 -1.70 -4.92
N ASP A 171 -3.00 -1.78 -5.48
CA ASP A 171 -4.18 -2.44 -4.87
C ASP A 171 -4.68 -1.51 -3.76
N PHE A 172 -5.78 -1.77 -3.04
CA PHE A 172 -7.02 -2.48 -3.40
C PHE A 172 -7.06 -3.86 -4.07
N GLY A 173 -6.92 -3.88 -5.39
CA GLY A 173 -6.97 -5.09 -6.21
C GLY A 173 -7.19 -6.44 -5.54
N MET A 174 -8.45 -6.73 -5.23
CA MET A 174 -8.86 -7.98 -4.59
C MET A 174 -8.18 -8.24 -3.25
N SER A 175 -7.68 -7.18 -2.61
CA SER A 175 -7.05 -7.32 -1.29
C SER A 175 -8.08 -7.80 -0.27
N ARG A 176 -9.35 -7.57 -0.58
CA ARG A 176 -10.44 -8.07 0.25
C ARG A 176 -10.80 -9.50 -0.13
N ASP A 177 -10.03 -10.07 -1.04
CA ASP A 177 -10.23 -11.47 -1.44
C ASP A 177 -8.97 -12.29 -1.14
N ILE A 178 -7.81 -11.66 -1.23
CA ILE A 178 -6.56 -12.30 -0.85
C ILE A 178 -6.40 -12.27 0.67
N TYR A 179 -6.27 -11.05 1.21
CA TYR A 179 -6.13 -10.87 2.64
C TYR A 179 -7.47 -10.61 3.29
N SER A 180 -8.34 -11.61 3.26
CA SER A 180 -9.69 -11.48 3.83
C SER A 180 -9.65 -11.40 5.35
N THR A 181 -8.52 -11.77 5.93
CA THR A 181 -8.35 -11.75 7.39
C THR A 181 -8.06 -10.34 7.90
N ASP A 182 -7.73 -9.44 6.98
CA ASP A 182 -7.40 -8.07 7.35
C ASP A 182 -8.63 -7.16 7.32
N TYR A 183 -9.78 -7.74 7.00
CA TYR A 183 -11.00 -6.95 6.88
C TYR A 183 -12.13 -7.49 7.76
N TYR A 184 -12.83 -6.57 8.43
CA TYR A 184 -14.01 -6.93 9.20
C TYR A 184 -15.26 -6.71 8.35
N ARG A 185 -16.02 -7.77 8.13
CA ARG A 185 -17.20 -7.71 7.27
C ARG A 185 -18.40 -7.13 8.00
N VAL A 186 -18.60 -5.83 7.86
CA VAL A 186 -19.72 -5.15 8.48
C VAL A 186 -21.03 -5.47 7.76
N GLY A 187 -22.06 -5.83 8.53
CA GLY A 187 -23.34 -6.22 7.97
C GLY A 187 -23.21 -7.46 7.11
N GLY A 188 -24.17 -7.65 6.20
CA GLY A 188 -24.14 -8.77 5.29
C GLY A 188 -23.09 -8.57 4.21
N ARG A 189 -22.92 -7.32 3.80
CA ARG A 189 -21.94 -6.97 2.77
C ARG A 189 -21.28 -5.63 3.08
N THR A 190 -19.94 -5.62 2.92
CA THR A 190 -19.00 -4.48 3.07
C THR A 190 -17.94 -4.86 4.09
N MET A 191 -16.67 -4.65 3.72
CA MET A 191 -15.56 -5.00 4.58
C MET A 191 -14.81 -3.76 5.05
N LEU A 192 -14.32 -3.80 6.29
CA LEU A 192 -13.59 -2.68 6.86
C LEU A 192 -12.25 -3.12 7.46
N PRO A 193 -11.15 -2.52 6.99
CA PRO A 193 -9.84 -2.77 7.59
C PRO A 193 -9.67 -2.03 8.91
N ILE A 194 -10.46 -2.44 9.90
CA ILE A 194 -10.56 -1.71 11.16
C ILE A 194 -9.24 -1.60 11.91
N ARG A 195 -8.33 -2.53 11.66
CA ARG A 195 -7.03 -2.52 12.32
C ARG A 195 -6.16 -1.37 11.80
N TRP A 196 -6.48 -0.89 10.61
CA TRP A 196 -5.75 0.23 10.01
C TRP A 196 -6.56 1.52 10.13
N MET A 197 -7.74 1.43 10.71
CA MET A 197 -8.64 2.57 10.81
C MET A 197 -8.50 3.33 12.12
N PRO A 198 -8.57 4.67 12.06
CA PRO A 198 -8.52 5.56 13.22
C PRO A 198 -9.85 5.56 13.99
N PRO A 199 -9.84 6.03 15.24
CA PRO A 199 -11.05 6.08 16.09
C PRO A 199 -12.23 6.79 15.44
N GLU A 200 -11.98 7.90 14.75
CA GLU A 200 -13.07 8.67 14.15
C GLU A 200 -13.68 7.93 12.96
N SER A 201 -12.94 6.97 12.41
CA SER A 201 -13.43 6.18 11.30
C SER A 201 -14.19 4.95 11.79
N ILE A 202 -13.91 4.55 13.03
CA ILE A 202 -14.60 3.42 13.64
C ILE A 202 -15.90 3.87 14.28
N LEU A 203 -15.82 4.94 15.07
CA LEU A 203 -16.97 5.45 15.79
C LEU A 203 -17.89 6.28 14.91
N TYR A 204 -17.43 7.48 14.57
CA TYR A 204 -18.24 8.41 13.77
C TYR A 204 -18.21 8.04 12.29
N ARG A 205 -17.32 7.10 11.96
CA ARG A 205 -17.16 6.62 10.59
C ARG A 205 -16.89 7.76 9.61
N LYS A 206 -15.90 8.58 9.93
CA LYS A 206 -15.49 9.67 9.07
C LYS A 206 -14.06 9.47 8.60
N PHE A 207 -13.85 9.59 7.29
CA PHE A 207 -12.52 9.42 6.71
C PHE A 207 -11.97 10.72 6.16
N THR A 208 -10.74 11.06 6.57
CA THR A 208 -10.08 12.26 6.09
C THR A 208 -8.62 11.97 5.74
N THR A 209 -7.87 13.01 5.41
CA THR A 209 -6.45 12.86 5.15
C THR A 209 -5.72 12.53 6.45
N GLU A 210 -6.26 13.03 7.56
CA GLU A 210 -5.71 12.77 8.88
C GLU A 210 -6.08 11.36 9.34
N SER A 211 -7.03 10.76 8.64
CA SER A 211 -7.40 9.38 8.90
C SER A 211 -6.46 8.44 8.16
N ASP A 212 -5.75 9.00 7.18
CA ASP A 212 -4.79 8.24 6.39
C ASP A 212 -3.43 8.22 7.07
N VAL A 213 -3.07 9.31 7.73
CA VAL A 213 -1.79 9.39 8.43
C VAL A 213 -1.81 8.45 9.64
N TRP A 214 -3.00 8.18 10.16
CA TRP A 214 -3.17 7.17 11.20
C TRP A 214 -2.85 5.80 10.63
N SER A 215 -3.33 5.56 9.41
CA SER A 215 -3.11 4.29 8.74
C SER A 215 -1.64 4.08 8.41
N PHE A 216 -0.94 5.17 8.11
CA PHE A 216 0.47 5.09 7.76
C PHE A 216 1.33 4.71 8.96
N GLY A 217 0.95 5.20 10.13
CA GLY A 217 1.63 4.82 11.36
C GLY A 217 1.50 3.32 11.57
N VAL A 218 0.35 2.78 11.17
CA VAL A 218 0.11 1.35 11.21
C VAL A 218 0.92 0.66 10.11
N VAL A 219 1.06 1.33 8.97
CA VAL A 219 1.89 0.83 7.89
C VAL A 219 3.35 0.87 8.29
N LEU A 220 3.75 1.98 8.91
CA LEU A 220 5.10 2.13 9.44
C LEU A 220 5.39 1.08 10.50
N TRP A 221 4.34 0.66 11.20
CA TRP A 221 4.45 -0.37 12.20
C TRP A 221 4.69 -1.74 11.56
N GLU A 222 3.99 -1.99 10.45
CA GLU A 222 4.12 -3.26 9.72
C GLU A 222 5.54 -3.48 9.22
N ILE A 223 6.17 -2.41 8.74
CA ILE A 223 7.50 -2.48 8.16
C ILE A 223 8.55 -2.95 9.16
N PHE A 224 8.54 -2.35 10.35
CA PHE A 224 9.50 -2.72 11.39
C PHE A 224 9.04 -3.96 12.16
N THR A 225 7.95 -4.57 11.71
CA THR A 225 7.44 -5.79 12.30
C THR A 225 7.53 -6.92 11.27
N TYR A 226 7.98 -6.55 10.07
CA TYR A 226 8.20 -7.48 8.97
C TYR A 226 6.91 -8.20 8.53
N GLY A 227 5.87 -7.44 8.26
CA GLY A 227 4.68 -7.97 7.63
C GLY A 227 3.58 -8.50 8.52
N LYS A 228 3.84 -8.58 9.83
CA LYS A 228 2.84 -9.09 10.76
C LYS A 228 1.57 -8.24 10.74
N GLN A 229 0.45 -8.86 11.09
CA GLN A 229 -0.82 -8.18 11.15
C GLN A 229 -0.94 -7.39 12.45
N PRO A 230 -1.32 -6.10 12.35
CA PRO A 230 -1.57 -5.26 13.52
C PRO A 230 -2.68 -5.83 14.37
N TRP A 231 -2.48 -5.83 15.70
CA TRP A 231 -3.42 -6.43 16.63
C TRP A 231 -3.70 -7.90 16.25
N TYR A 232 -2.64 -8.61 15.86
CA TYR A 232 -2.70 -10.06 15.67
C TYR A 232 -3.02 -10.70 17.00
N GLN A 233 -2.72 -9.96 18.06
CA GLN A 233 -3.02 -10.32 19.44
C GLN A 233 -4.50 -10.62 19.64
N LEU A 234 -5.36 -9.91 18.92
CA LEU A 234 -6.80 -9.89 19.20
C LEU A 234 -7.66 -10.35 18.03
N SER A 235 -8.96 -10.48 18.30
CA SER A 235 -9.94 -10.71 17.26
C SER A 235 -10.42 -9.37 16.71
N ASN A 236 -11.38 -9.41 15.79
CA ASN A 236 -11.87 -8.18 15.17
C ASN A 236 -12.56 -7.26 16.17
N THR A 237 -13.42 -7.83 17.01
CA THR A 237 -14.15 -7.06 18.01
C THR A 237 -13.21 -6.51 19.07
N GLU A 238 -12.26 -7.33 19.52
CA GLU A 238 -11.30 -6.92 20.52
C GLU A 238 -10.38 -5.84 19.97
N ALA A 239 -10.09 -5.91 18.67
CA ALA A 239 -9.27 -4.89 18.02
C ALA A 239 -10.02 -3.58 17.95
N ILE A 240 -11.32 -3.65 17.67
CA ILE A 240 -12.19 -2.47 17.65
C ILE A 240 -12.16 -1.77 18.99
N ASP A 241 -12.28 -2.55 20.06
CA ASP A 241 -12.27 -2.02 21.42
C ASP A 241 -10.97 -1.29 21.73
N CYS A 242 -9.84 -2.00 21.64
CA CYS A 242 -8.53 -1.43 21.94
C CYS A 242 -8.27 -0.10 21.25
N ILE A 243 -8.66 -0.01 19.98
CA ILE A 243 -8.54 1.23 19.23
C ILE A 243 -9.51 2.28 19.77
N THR A 244 -10.71 1.83 20.12
CA THR A 244 -11.75 2.71 20.65
C THR A 244 -11.37 3.28 22.01
N GLN A 245 -10.79 2.45 22.87
CA GLN A 245 -10.37 2.89 24.19
C GLN A 245 -9.04 3.65 24.15
N GLY A 246 -8.44 3.71 22.97
CA GLY A 246 -7.21 4.47 22.79
C GLY A 246 -5.96 3.73 23.20
N ARG A 247 -5.93 2.42 22.94
CA ARG A 247 -4.76 1.61 23.22
C ARG A 247 -3.85 1.55 22.00
N GLU A 248 -2.59 1.93 22.19
CA GLU A 248 -1.64 2.01 21.08
C GLU A 248 -0.86 0.71 20.87
N LEU A 249 -0.37 0.52 19.65
CA LEU A 249 0.50 -0.60 19.34
C LEU A 249 1.86 -0.40 19.99
N GLU A 250 2.45 -1.48 20.47
CA GLU A 250 3.75 -1.41 21.13
C GLU A 250 4.87 -1.37 20.09
N ARG A 251 5.96 -0.68 20.44
CA ARG A 251 7.11 -0.54 19.55
C ARG A 251 7.70 -1.89 19.18
N PRO A 252 7.68 -2.21 17.88
CA PRO A 252 8.30 -3.46 17.41
C PRO A 252 9.80 -3.49 17.70
N ARG A 253 10.32 -4.70 17.90
CA ARG A 253 11.72 -4.91 18.29
C ARG A 253 12.71 -4.28 17.31
N ALA A 254 12.40 -4.37 16.02
CA ALA A 254 13.30 -3.87 14.99
C ALA A 254 13.21 -2.35 14.86
N CYS A 255 12.25 -1.74 15.56
CA CYS A 255 12.05 -0.30 15.49
C CYS A 255 12.79 0.44 16.59
N PRO A 256 13.67 1.37 16.19
CA PRO A 256 14.35 2.27 17.14
C PRO A 256 13.38 3.28 17.73
N PRO A 257 13.66 3.76 18.95
CA PRO A 257 12.83 4.78 19.62
C PRO A 257 12.65 6.04 18.78
N GLU A 258 13.63 6.32 17.92
CA GLU A 258 13.56 7.49 17.03
C GLU A 258 12.43 7.35 16.02
N VAL A 259 12.13 6.13 15.63
CA VAL A 259 11.10 5.87 14.62
C VAL A 259 9.73 5.65 15.26
N TYR A 260 9.73 5.13 16.48
CA TYR A 260 8.49 4.88 17.19
C TYR A 260 7.82 6.19 17.61
N ALA A 261 8.62 7.25 17.71
CA ALA A 261 8.10 8.58 17.99
C ALA A 261 7.31 9.08 16.79
N ILE A 262 7.69 8.63 15.60
CA ILE A 262 7.01 9.00 14.37
C ILE A 262 5.67 8.27 14.27
N MET A 263 5.63 7.04 14.79
CA MET A 263 4.40 6.27 14.79
C MET A 263 3.37 6.89 15.73
N ARG A 264 3.81 7.26 16.92
CA ARG A 264 2.93 7.88 17.90
C ARG A 264 2.50 9.28 17.46
N GLY A 265 3.33 9.91 16.62
CA GLY A 265 2.99 11.19 16.05
C GLY A 265 1.87 11.05 15.05
N CYS A 266 1.68 9.82 14.57
CA CYS A 266 0.60 9.51 13.65
C CYS A 266 -0.59 8.90 14.38
N TRP A 267 -0.44 8.71 15.69
CA TRP A 267 -1.44 8.02 16.48
C TRP A 267 -2.07 8.89 17.56
N GLN A 268 -2.13 10.20 17.32
CA GLN A 268 -2.86 11.09 18.20
C GLN A 268 -4.35 10.90 17.99
N ARG A 269 -5.12 10.92 19.08
CA ARG A 269 -6.55 10.62 18.99
C ARG A 269 -7.29 11.71 18.22
N GLU A 270 -6.99 12.96 18.53
CA GLU A 270 -7.50 14.07 17.74
C GLU A 270 -6.74 14.13 16.41
N PRO A 271 -7.45 13.99 15.28
CA PRO A 271 -6.85 13.84 13.95
C PRO A 271 -5.99 15.04 13.55
N GLN A 272 -6.33 16.21 14.07
CA GLN A 272 -5.57 17.42 13.76
C GLN A 272 -4.38 17.59 14.69
N GLN A 273 -4.32 16.81 15.76
CA GLN A 273 -3.16 16.83 16.66
C GLN A 273 -2.05 15.96 16.07
N ARG A 274 -2.41 15.17 15.07
CA ARG A 274 -1.46 14.32 14.35
C ARG A 274 -0.59 15.14 13.43
N HIS A 275 0.63 14.68 13.19
CA HIS A 275 1.55 15.37 12.30
C HIS A 275 1.11 15.24 10.85
N SER A 276 1.49 16.21 10.03
CA SER A 276 1.21 16.15 8.60
C SER A 276 2.07 15.08 7.95
N ILE A 277 1.58 14.48 6.88
CA ILE A 277 2.32 13.44 6.17
C ILE A 277 3.56 14.03 5.51
N LYS A 278 3.51 15.33 5.23
CA LYS A 278 4.65 16.03 4.66
C LYS A 278 5.78 16.16 5.68
N ASP A 279 5.41 16.18 6.96
CA ASP A 279 6.37 16.27 8.04
C ASP A 279 6.90 14.89 8.41
N VAL A 280 6.03 13.89 8.35
CA VAL A 280 6.39 12.51 8.63
C VAL A 280 7.40 12.01 7.60
N HIS A 281 7.11 12.26 6.33
CA HIS A 281 8.00 11.90 5.24
C HIS A 281 9.35 12.61 5.38
N ALA A 282 9.32 13.84 5.87
CA ALA A 282 10.52 14.64 6.05
C ALA A 282 11.46 13.99 7.07
N ARG A 283 10.88 13.43 8.13
CA ARG A 283 11.66 12.75 9.15
C ARG A 283 12.19 11.41 8.63
N LEU A 284 11.35 10.68 7.90
CA LEU A 284 11.71 9.37 7.39
C LEU A 284 12.76 9.45 6.29
N GLN A 285 12.67 10.47 5.44
CA GLN A 285 13.62 10.65 4.35
C GLN A 285 15.01 10.98 4.90
N ALA A 286 15.05 11.84 5.90
CA ALA A 286 16.31 12.28 6.50
C ALA A 286 17.05 11.11 7.15
N LEU A 287 16.29 10.22 7.79
CA LEU A 287 16.87 9.06 8.46
C LEU A 287 17.36 8.02 7.44
N ALA A 288 16.77 8.07 6.24
CA ALA A 288 17.09 7.10 5.19
C ALA A 288 18.51 7.27 4.66
N GLN A 289 18.80 8.47 4.15
CA GLN A 289 20.11 8.74 3.55
C GLN A 289 21.14 9.16 4.60
N ALA A 290 20.74 9.11 5.86
CA ALA A 290 21.64 9.42 6.96
C ALA A 290 22.85 8.50 6.93
N PRO A 291 24.05 9.04 7.20
CA PRO A 291 25.29 8.27 7.17
C PRO A 291 25.21 7.04 8.08
N PRO A 292 25.93 5.97 7.73
CA PRO A 292 25.92 4.71 8.49
C PRO A 292 26.10 4.93 9.99
N VAL A 293 27.20 5.56 10.39
CA VAL A 293 27.54 5.79 11.79
C VAL A 293 26.39 6.41 12.61
N TYR A 294 25.50 7.12 11.93
CA TYR A 294 24.34 7.73 12.58
C TYR A 294 23.25 6.70 12.83
N LEU A 295 23.15 5.72 11.94
CA LEU A 295 22.11 4.69 12.04
C LEU A 295 22.53 3.52 12.91
N ASP A 296 23.83 3.23 12.93
CA ASP A 296 24.38 2.15 13.75
C ASP A 296 24.12 2.39 15.23
N VAL A 297 24.10 3.66 15.61
CA VAL A 297 23.90 4.04 17.01
C VAL A 297 22.41 4.04 17.36
N LEU A 298 21.57 4.31 16.38
CA LEU A 298 20.12 4.33 16.58
C LEU A 298 19.60 2.98 17.07
N GLY A 299 18.69 3.01 18.03
#